data_2XSA
#
_entry.id   2XSA
#
_cell.length_a   84.396
_cell.length_b   95.349
_cell.length_c   60.528
_cell.angle_alpha   90.00
_cell.angle_beta   104.01
_cell.angle_gamma   90.00
#
_symmetry.space_group_name_H-M   'C 1 2 1'
#
loop_
_entity.id
_entity.type
_entity.pdbx_description
1 polymer HYALURONOGLUCOSAMINIDASE
2 non-polymer 'CHLORIDE ION'
3 water water
#
_entity_poly.entity_id   1
_entity_poly.type   'polypeptide(L)'
_entity_poly.pdbx_seq_one_letter_code
;MLTGVIEGFYGRDWRRDERATVMDWIAAAGMNTYIYGPKDDVHVRARWRVPYDAAGLARLTELRDAAAARGMVFYVSLAP
CLDVTYSDPQDRAALLARVDQLARAGLRNLVLLFDDIPSVLPEADRHRFDSFAEAQADLSNMVLRHLRGAGHVVFCPTEY
CGRMAGGDPRGSAYLQRLGSTLDPAIDIFWTGPEIVSEEIVAAHLAAVGEVLRRRPVIWDNFHANDYDIRRVFAGPLGGR
SRDILPLVAGWITNPNNEAEANFPAIHTTGAYLADPDYAPERAIAAAVAAWQPRFRLAFGDGAVPSDLVALLCDLFWQPF
ALGPETTRILSALRAALTVPRPDPSDPAWRAALEDLRDLKRRINKLFTLMTEIENRDLFHTFHNYLWEAQEEVGHLVAYC
DWLDEAPPPGAVFPATDRIHNFYRRGFGVAVQDILQRDRQGRYHHGV
;
_entity_poly.pdbx_strand_id   A
#
loop_
_chem_comp.id
_chem_comp.type
_chem_comp.name
_chem_comp.formula
CL non-polymer 'CHLORIDE ION' 'Cl -1'
#
# COMPACT_ATOMS: atom_id res chain seq x y z
N MET A 1 -13.12 12.55 -11.26
CA MET A 1 -11.97 11.65 -10.95
C MET A 1 -12.33 10.55 -9.93
N LEU A 2 -12.01 9.31 -10.28
CA LEU A 2 -12.20 8.15 -9.41
C LEU A 2 -11.11 8.02 -8.33
N THR A 3 -11.46 8.26 -7.06
CA THR A 3 -10.46 8.19 -5.96
C THR A 3 -10.97 7.39 -4.77
N GLY A 4 -10.11 6.60 -4.15
CA GLY A 4 -10.53 5.88 -2.95
C GLY A 4 -9.64 4.67 -2.67
N VAL A 5 -10.29 3.56 -2.30
CA VAL A 5 -9.60 2.37 -1.79
C VAL A 5 -10.08 1.08 -2.46
N ILE A 6 -9.16 0.13 -2.66
CA ILE A 6 -9.56 -1.18 -3.15
C ILE A 6 -9.33 -2.26 -2.07
N GLU A 7 -10.38 -2.96 -1.66
CA GLU A 7 -10.26 -4.06 -0.70
C GLU A 7 -9.96 -5.32 -1.55
N GLY A 8 -8.67 -5.55 -1.87
CA GLY A 8 -8.29 -6.63 -2.79
C GLY A 8 -7.29 -7.67 -2.25
N PHE A 9 -7.05 -7.65 -0.95
CA PHE A 9 -5.89 -8.35 -0.35
C PHE A 9 -6.20 -9.80 -0.02
N TYR A 10 -5.16 -10.54 0.38
CA TYR A 10 -5.30 -11.90 0.89
C TYR A 10 -5.51 -11.89 2.37
N GLY A 11 -5.79 -13.04 2.94
CA GLY A 11 -6.13 -13.12 4.36
C GLY A 11 -7.62 -12.83 4.58
N ARG A 12 -8.00 -12.75 5.84
CA ARG A 12 -9.36 -12.43 6.29
C ARG A 12 -9.87 -11.21 5.53
N ASP A 13 -11.11 -11.21 5.00
CA ASP A 13 -11.64 -9.94 4.47
C ASP A 13 -12.05 -9.05 5.65
N TRP A 14 -12.41 -7.78 5.39
CA TRP A 14 -12.87 -6.90 6.46
C TRP A 14 -14.26 -7.26 6.98
N ARG A 15 -14.44 -7.17 8.29
CA ARG A 15 -15.79 -7.23 8.91
C ARG A 15 -16.62 -6.00 8.48
N ARG A 16 -17.93 -6.10 8.66
CA ARG A 16 -18.86 -5.01 8.39
C ARG A 16 -18.49 -3.70 9.09
N ASP A 17 -18.15 -3.79 10.38
CA ASP A 17 -17.72 -2.61 11.15
C ASP A 17 -16.39 -2.07 10.62
N GLU A 18 -15.49 -2.96 10.20
CA GLU A 18 -14.22 -2.48 9.63
C GLU A 18 -14.46 -1.73 8.31
N ARG A 19 -15.34 -2.27 7.47
CA ARG A 19 -15.64 -1.63 6.19
C ARG A 19 -16.30 -0.24 6.38
N ALA A 20 -17.25 -0.15 7.31
CA ALA A 20 -17.81 1.14 7.76
C ALA A 20 -16.74 2.14 8.21
N THR A 21 -15.82 1.71 9.05
CA THR A 21 -14.75 2.57 9.55
C THR A 21 -13.94 3.16 8.40
N VAL A 22 -13.50 2.28 7.50
CA VAL A 22 -12.64 2.67 6.39
C VAL A 22 -13.39 3.57 5.43
N MET A 23 -14.68 3.27 5.18
CA MET A 23 -15.50 4.15 4.37
C MET A 23 -15.63 5.58 4.97
N ASP A 24 -15.84 5.68 6.29
CA ASP A 24 -15.85 6.97 7.00
C ASP A 24 -14.54 7.73 6.70
N TRP A 25 -13.42 7.01 6.77
CA TRP A 25 -12.12 7.64 6.51
C TRP A 25 -11.98 8.12 5.08
N ILE A 26 -12.41 7.30 4.14
CA ILE A 26 -12.42 7.69 2.72
C ILE A 26 -13.28 8.95 2.49
N ALA A 27 -14.47 9.00 3.09
CA ALA A 27 -15.39 10.12 2.94
C ALA A 27 -14.79 11.39 3.52
N ALA A 28 -14.24 11.29 4.74
CA ALA A 28 -13.62 12.44 5.41
C ALA A 28 -12.38 12.97 4.64
N ALA A 29 -11.67 12.07 3.95
CA ALA A 29 -10.51 12.47 3.13
C ALA A 29 -10.90 13.12 1.79
N GLY A 30 -12.20 13.25 1.54
CA GLY A 30 -12.70 13.88 0.30
C GLY A 30 -12.62 12.97 -0.92
N MET A 31 -12.55 11.66 -0.67
CA MET A 31 -12.47 10.69 -1.77
C MET A 31 -13.86 10.08 -1.99
N ASN A 32 -14.04 9.33 -3.07
CA ASN A 32 -15.40 9.03 -3.56
C ASN A 32 -15.69 7.59 -4.04
N THR A 33 -14.74 6.67 -3.82
CA THR A 33 -14.88 5.31 -4.38
C THR A 33 -14.42 4.19 -3.42
N TYR A 34 -15.19 3.11 -3.34
CA TYR A 34 -14.77 1.90 -2.64
C TYR A 34 -14.88 0.71 -3.59
N ILE A 35 -13.79 0.00 -3.79
CA ILE A 35 -13.78 -1.17 -4.63
C ILE A 35 -13.63 -2.46 -3.84
N TYR A 36 -14.57 -3.36 -4.05
CA TYR A 36 -14.64 -4.62 -3.35
C TYR A 36 -14.15 -5.75 -4.22
N GLY A 37 -13.12 -6.44 -3.74
CA GLY A 37 -12.53 -7.60 -4.34
C GLY A 37 -11.65 -8.52 -3.48
N PRO A 38 -12.06 -8.89 -2.29
CA PRO A 38 -11.20 -9.67 -1.43
C PRO A 38 -10.96 -11.09 -1.89
N LYS A 39 -9.74 -11.53 -1.65
CA LYS A 39 -9.28 -12.87 -1.95
C LYS A 39 -10.06 -13.87 -1.13
N ASP A 40 -10.51 -13.48 0.04
CA ASP A 40 -11.44 -14.28 0.84
C ASP A 40 -12.71 -14.72 0.07
N ASP A 41 -13.18 -13.87 -0.84
CA ASP A 41 -14.44 -14.14 -1.55
C ASP A 41 -14.14 -15.06 -2.74
N VAL A 42 -14.54 -16.32 -2.64
CA VAL A 42 -14.21 -17.30 -3.68
C VAL A 42 -14.79 -16.97 -5.07
N HIS A 43 -15.81 -16.11 -5.11
CA HIS A 43 -16.51 -15.79 -6.36
C HIS A 43 -15.73 -14.78 -7.22
N VAL A 44 -14.90 -13.96 -6.60
CA VAL A 44 -14.22 -12.88 -7.31
C VAL A 44 -13.25 -13.45 -8.35
N ARG A 45 -12.50 -14.50 -7.99
CA ARG A 45 -11.37 -14.94 -8.79
C ARG A 45 -11.22 -16.47 -8.89
N ALA A 46 -11.03 -17.16 -7.77
CA ALA A 46 -10.78 -18.61 -7.77
C ALA A 46 -11.87 -19.45 -8.46
N ARG A 47 -13.14 -19.10 -8.23
CA ARG A 47 -14.26 -19.77 -8.92
C ARG A 47 -15.15 -18.69 -9.53
N TRP A 48 -14.54 -17.84 -10.37
CA TRP A 48 -15.23 -16.69 -10.97
C TRP A 48 -16.48 -17.03 -11.81
N ARG A 49 -16.61 -18.25 -12.30
CA ARG A 49 -17.78 -18.63 -13.11
C ARG A 49 -19.05 -18.82 -12.29
N VAL A 50 -18.90 -18.92 -10.98
CA VAL A 50 -20.01 -19.25 -10.09
C VAL A 50 -20.69 -17.96 -9.59
N PRO A 51 -21.99 -17.77 -9.92
CA PRO A 51 -22.72 -16.59 -9.41
C PRO A 51 -22.90 -16.65 -7.89
N TYR A 52 -23.10 -15.50 -7.26
CA TYR A 52 -23.42 -15.45 -5.82
C TYR A 52 -24.75 -16.12 -5.50
N ASP A 53 -24.87 -16.71 -4.31
CA ASP A 53 -26.19 -17.12 -3.79
C ASP A 53 -26.95 -15.88 -3.30
N ALA A 54 -28.20 -16.06 -2.88
CA ALA A 54 -29.06 -14.94 -2.50
C ALA A 54 -28.46 -14.06 -1.41
N ALA A 55 -27.93 -14.67 -0.34
CA ALA A 55 -27.35 -13.92 0.80
C ALA A 55 -26.10 -13.09 0.45
N GLY A 56 -25.18 -13.68 -0.32
CA GLY A 56 -23.98 -12.96 -0.78
C GLY A 56 -24.35 -11.72 -1.57
N LEU A 57 -25.29 -11.86 -2.51
CA LEU A 57 -25.74 -10.72 -3.31
C LEU A 57 -26.27 -9.62 -2.39
N ALA A 58 -27.10 -9.99 -1.42
CA ALA A 58 -27.63 -9.05 -0.44
C ALA A 58 -26.56 -8.35 0.40
N ARG A 59 -25.48 -9.06 0.75
CA ARG A 59 -24.35 -8.43 1.43
C ARG A 59 -23.71 -7.34 0.56
N LEU A 60 -23.61 -7.58 -0.74
CA LEU A 60 -23.08 -6.58 -1.68
C LEU A 60 -24.00 -5.38 -1.86
N THR A 61 -25.31 -5.61 -2.01
CA THR A 61 -26.25 -4.49 -2.10
C THR A 61 -26.21 -3.60 -0.85
N GLU A 62 -26.07 -4.19 0.33
CA GLU A 62 -26.00 -3.42 1.57
C GLU A 62 -24.72 -2.60 1.69
N LEU A 63 -23.60 -3.16 1.21
CA LEU A 63 -22.36 -2.41 1.13
C LEU A 63 -22.48 -1.19 0.22
N ARG A 64 -23.03 -1.39 -0.97
CA ARG A 64 -23.33 -0.29 -1.92
C ARG A 64 -24.11 0.84 -1.21
N ASP A 65 -25.25 0.46 -0.61
CA ASP A 65 -26.11 1.41 0.13
C ASP A 65 -25.34 2.09 1.26
N ALA A 66 -24.45 1.35 1.94
CA ALA A 66 -23.59 1.93 2.99
C ALA A 66 -22.58 2.95 2.45
N ALA A 67 -21.98 2.67 1.30
CA ALA A 67 -21.06 3.60 0.67
C ALA A 67 -21.81 4.82 0.13
N ALA A 68 -22.96 4.58 -0.49
CA ALA A 68 -23.80 5.66 -1.05
C ALA A 68 -24.17 6.70 0.03
N ALA A 69 -24.58 6.23 1.20
CA ALA A 69 -24.96 7.11 2.32
C ALA A 69 -23.82 8.02 2.77
N ARG A 70 -22.59 7.61 2.45
CA ARG A 70 -21.38 8.35 2.77
C ARG A 70 -20.83 9.19 1.61
N GLY A 71 -21.50 9.17 0.46
CA GLY A 71 -21.00 9.89 -0.73
C GLY A 71 -19.92 9.13 -1.51
N MET A 72 -20.06 7.81 -1.57
CA MET A 72 -19.12 6.98 -2.29
C MET A 72 -19.79 6.00 -3.26
N VAL A 73 -19.12 5.77 -4.38
CA VAL A 73 -19.58 4.83 -5.39
C VAL A 73 -18.91 3.49 -5.09
N PHE A 74 -19.69 2.42 -5.21
CA PHE A 74 -19.26 1.06 -4.84
C PHE A 74 -19.02 0.25 -6.11
N TYR A 75 -17.85 -0.39 -6.23
CA TYR A 75 -17.51 -1.25 -7.38
C TYR A 75 -17.38 -2.70 -6.95
N VAL A 76 -17.68 -3.65 -7.84
CA VAL A 76 -17.48 -5.08 -7.55
C VAL A 76 -16.46 -5.63 -8.56
N SER A 77 -15.54 -6.47 -8.10
CA SER A 77 -14.47 -7.04 -8.95
C SER A 77 -14.82 -8.41 -9.47
N LEU A 78 -14.31 -8.68 -10.67
CA LEU A 78 -14.42 -9.99 -11.33
C LEU A 78 -13.06 -10.26 -11.97
N ALA A 79 -12.48 -11.41 -11.68
CA ALA A 79 -11.15 -11.71 -12.20
C ALA A 79 -11.15 -13.03 -13.00
N PRO A 80 -11.58 -12.97 -14.26
CA PRO A 80 -11.77 -14.16 -15.07
C PRO A 80 -10.58 -14.36 -15.97
N CYS A 81 -9.42 -14.59 -15.38
CA CYS A 81 -8.16 -14.53 -16.12
C CYS A 81 -7.31 -15.81 -16.02
N LEU A 82 -7.38 -16.48 -14.87
CA LEU A 82 -6.55 -17.67 -14.63
C LEU A 82 -6.81 -18.82 -15.62
N ASP A 83 -8.07 -19.09 -15.95
CA ASP A 83 -8.39 -20.26 -16.80
C ASP A 83 -9.47 -20.00 -17.83
N VAL A 84 -9.55 -18.76 -18.32
CA VAL A 84 -10.57 -18.41 -19.32
C VAL A 84 -10.15 -18.78 -20.74
N THR A 85 -11.12 -19.28 -21.49
CA THR A 85 -11.03 -19.38 -22.93
C THR A 85 -11.86 -18.21 -23.47
N TYR A 86 -11.15 -17.15 -23.87
CA TYR A 86 -11.75 -15.87 -24.30
C TYR A 86 -12.80 -15.95 -25.40
N SER A 87 -12.66 -16.95 -26.29
CA SER A 87 -13.58 -17.20 -27.43
C SER A 87 -14.72 -18.17 -27.12
N ASP A 88 -14.60 -18.90 -26.01
CA ASP A 88 -15.54 -19.95 -25.68
C ASP A 88 -16.93 -19.42 -25.35
N PRO A 89 -17.96 -19.86 -26.10
CA PRO A 89 -19.32 -19.39 -25.83
C PRO A 89 -19.74 -19.59 -24.36
N GLN A 90 -19.39 -20.74 -23.77
CA GLN A 90 -19.73 -21.05 -22.38
C GLN A 90 -19.04 -20.13 -21.35
N ASP A 91 -17.79 -19.79 -21.62
CA ASP A 91 -17.04 -18.90 -20.73
C ASP A 91 -17.46 -17.44 -20.89
N ARG A 92 -17.75 -17.05 -22.13
CA ARG A 92 -18.28 -15.72 -22.44
C ARG A 92 -19.63 -15.54 -21.75
N ALA A 93 -20.47 -16.57 -21.87
CA ALA A 93 -21.80 -16.60 -21.25
C ALA A 93 -21.69 -16.57 -19.73
N ALA A 94 -20.81 -17.39 -19.16
CA ALA A 94 -20.57 -17.39 -17.71
C ALA A 94 -20.17 -15.99 -17.18
N LEU A 95 -19.29 -15.28 -17.91
CA LEU A 95 -18.90 -13.93 -17.51
C LEU A 95 -20.07 -12.95 -17.64
N LEU A 96 -20.84 -13.06 -18.73
CA LEU A 96 -21.99 -12.20 -18.92
C LEU A 96 -23.07 -12.48 -17.86
N ALA A 97 -23.22 -13.74 -17.43
CA ALA A 97 -24.17 -14.06 -16.36
C ALA A 97 -23.73 -13.47 -15.01
N ARG A 98 -22.43 -13.41 -14.76
CA ARG A 98 -21.94 -12.76 -13.56
C ARG A 98 -22.32 -11.30 -13.63
N VAL A 99 -21.94 -10.65 -14.73
CA VAL A 99 -22.22 -9.23 -14.96
C VAL A 99 -23.72 -8.94 -14.86
N ASP A 100 -24.53 -9.83 -15.40
CA ASP A 100 -25.98 -9.61 -15.43
C ASP A 100 -26.58 -9.69 -14.03
N GLN A 101 -26.13 -10.68 -13.25
CA GLN A 101 -26.58 -10.81 -11.88
C GLN A 101 -26.29 -9.53 -11.09
N LEU A 102 -25.08 -8.99 -11.25
CA LEU A 102 -24.70 -7.78 -10.53
C LEU A 102 -25.49 -6.57 -11.06
N ALA A 103 -25.59 -6.46 -12.39
CA ALA A 103 -26.24 -5.31 -13.02
C ALA A 103 -27.73 -5.21 -12.67
N ARG A 104 -28.43 -6.34 -12.73
CA ARG A 104 -29.85 -6.42 -12.33
C ARG A 104 -30.10 -6.05 -10.86
N ALA A 105 -29.17 -6.43 -9.99
CA ALA A 105 -29.19 -6.03 -8.58
C ALA A 105 -28.85 -4.55 -8.38
N GLY A 106 -28.48 -3.86 -9.45
CA GLY A 106 -28.10 -2.46 -9.36
C GLY A 106 -26.63 -2.27 -8.96
N LEU A 107 -25.80 -3.28 -9.25
CA LEU A 107 -24.34 -3.16 -9.05
C LEU A 107 -23.74 -3.06 -10.43
N ARG A 108 -23.60 -1.83 -10.91
CA ARG A 108 -23.33 -1.62 -12.33
C ARG A 108 -21.91 -1.12 -12.56
N ASN A 109 -21.18 -0.98 -11.47
CA ASN A 109 -19.82 -0.49 -11.52
C ASN A 109 -18.86 -1.64 -11.25
N LEU A 110 -18.10 -2.03 -12.27
CA LEU A 110 -17.30 -3.26 -12.20
C LEU A 110 -15.82 -3.04 -12.45
N VAL A 111 -15.00 -3.87 -11.81
CA VAL A 111 -13.59 -3.90 -12.12
C VAL A 111 -13.30 -5.27 -12.71
N LEU A 112 -12.68 -5.30 -13.88
CA LEU A 112 -12.34 -6.59 -14.49
C LEU A 112 -10.84 -6.79 -14.37
N LEU A 113 -10.43 -7.87 -13.70
CA LEU A 113 -8.99 -8.04 -13.41
C LEU A 113 -8.34 -9.11 -14.28
N PHE A 114 -7.24 -8.72 -14.95
CA PHE A 114 -6.46 -9.65 -15.78
C PHE A 114 -4.98 -9.76 -15.37
N ASP A 115 -4.70 -9.56 -14.09
CA ASP A 115 -3.32 -9.55 -13.61
C ASP A 115 -2.65 -10.92 -13.43
N ASP A 116 -3.39 -12.02 -13.54
CA ASP A 116 -2.75 -13.34 -13.48
C ASP A 116 -3.20 -14.32 -14.58
N ILE A 117 -2.40 -14.41 -15.64
CA ILE A 117 -2.74 -15.20 -16.84
C ILE A 117 -1.77 -16.38 -17.07
N PRO A 118 -2.19 -17.38 -17.88
CA PRO A 118 -1.26 -18.43 -18.34
C PRO A 118 -0.11 -17.84 -19.17
N SER A 119 0.97 -18.61 -19.32
CA SER A 119 2.11 -18.19 -20.12
C SER A 119 1.73 -18.06 -21.61
N VAL A 120 0.96 -19.02 -22.11
CA VAL A 120 0.53 -19.02 -23.50
C VAL A 120 -1.00 -18.98 -23.61
N LEU A 121 -1.49 -18.29 -24.65
CA LEU A 121 -2.91 -18.20 -24.98
C LEU A 121 -3.47 -19.60 -25.29
N PRO A 122 -4.74 -19.89 -24.91
CA PRO A 122 -5.34 -21.20 -25.25
C PRO A 122 -5.53 -21.35 -26.76
N GLU A 123 -5.17 -22.50 -27.33
CA GLU A 123 -5.24 -22.66 -28.80
C GLU A 123 -6.66 -22.63 -29.38
N ALA A 124 -7.65 -22.72 -28.49
CA ALA A 124 -9.04 -22.45 -28.85
C ALA A 124 -9.25 -20.96 -29.20
N ASP A 125 -8.38 -20.10 -28.70
CA ASP A 125 -8.43 -18.64 -28.93
C ASP A 125 -7.53 -18.13 -30.05
N ARG A 126 -6.45 -18.87 -30.30
CA ARG A 126 -5.34 -18.37 -31.08
C ARG A 126 -5.69 -18.09 -32.54
N HIS A 127 -6.70 -18.76 -33.06
CA HIS A 127 -7.23 -18.39 -34.35
C HIS A 127 -8.57 -17.73 -34.06
N ARG A 128 -8.53 -16.42 -33.95
CA ARG A 128 -9.67 -15.54 -33.68
C ARG A 128 -9.12 -14.33 -32.96
N PHE A 129 -8.18 -14.60 -32.04
CA PHE A 129 -7.40 -13.54 -31.38
C PHE A 129 -5.90 -13.69 -31.62
N ASP A 130 -5.22 -12.57 -31.86
CA ASP A 130 -3.80 -12.57 -32.17
C ASP A 130 -2.94 -12.46 -30.91
N SER A 131 -3.58 -12.17 -29.78
CA SER A 131 -2.85 -11.84 -28.57
C SER A 131 -3.76 -11.87 -27.36
N PHE A 132 -3.14 -11.91 -26.17
CA PHE A 132 -3.86 -11.73 -24.93
C PHE A 132 -4.57 -10.38 -24.89
N ALA A 133 -3.85 -9.32 -25.29
CA ALA A 133 -4.42 -7.96 -25.30
C ALA A 133 -5.75 -7.93 -26.08
N GLU A 134 -5.73 -8.41 -27.34
CA GLU A 134 -6.94 -8.39 -28.18
C GLU A 134 -8.07 -9.19 -27.53
N ALA A 135 -7.75 -10.37 -27.04
CA ALA A 135 -8.72 -11.23 -26.35
C ALA A 135 -9.35 -10.59 -25.11
N GLN A 136 -8.52 -10.05 -24.21
CA GLN A 136 -9.02 -9.43 -22.97
C GLN A 136 -9.88 -8.20 -23.25
N ALA A 137 -9.50 -7.44 -24.29
CA ALA A 137 -10.23 -6.24 -24.66
C ALA A 137 -11.62 -6.60 -25.22
N ASP A 138 -11.68 -7.59 -26.10
CA ASP A 138 -12.96 -8.04 -26.66
C ASP A 138 -13.92 -8.49 -25.55
N LEU A 139 -13.42 -9.34 -24.66
CA LEU A 139 -14.21 -9.79 -23.53
C LEU A 139 -14.68 -8.61 -22.65
N SER A 140 -13.80 -7.64 -22.40
CA SER A 140 -14.17 -6.47 -21.60
C SER A 140 -15.15 -5.50 -22.30
N ASN A 141 -14.95 -5.27 -23.59
CA ASN A 141 -15.91 -4.50 -24.40
C ASN A 141 -17.31 -5.11 -24.33
N MET A 142 -17.37 -6.45 -24.37
CA MET A 142 -18.62 -7.21 -24.26
C MET A 142 -19.35 -6.86 -22.96
N VAL A 143 -18.59 -6.81 -21.86
CA VAL A 143 -19.13 -6.47 -20.55
C VAL A 143 -19.69 -5.05 -20.60
N LEU A 144 -18.89 -4.12 -21.11
CA LEU A 144 -19.32 -2.72 -21.26
C LEU A 144 -20.62 -2.61 -22.07
N ARG A 145 -20.64 -3.19 -23.27
CA ARG A 145 -21.82 -3.15 -24.13
C ARG A 145 -23.07 -3.75 -23.44
N HIS A 146 -22.87 -4.76 -22.59
CA HIS A 146 -23.99 -5.35 -21.85
C HIS A 146 -24.66 -4.38 -20.89
N LEU A 147 -23.89 -3.45 -20.33
CA LEU A 147 -24.38 -2.50 -19.34
C LEU A 147 -25.23 -1.35 -19.92
N ARG A 148 -25.27 -1.23 -21.24
CA ARG A 148 -26.17 -0.29 -21.96
C ARG A 148 -26.13 1.16 -21.42
N GLY A 149 -24.94 1.68 -21.20
CA GLY A 149 -24.79 3.11 -20.87
C GLY A 149 -24.93 3.47 -19.40
N ALA A 150 -25.35 2.51 -18.58
CA ALA A 150 -25.49 2.71 -17.14
C ALA A 150 -24.52 1.79 -16.41
N GLY A 151 -23.46 2.35 -15.88
CA GLY A 151 -22.35 1.58 -15.31
C GLY A 151 -21.03 2.04 -15.88
N HIS A 152 -19.95 1.64 -15.21
CA HIS A 152 -18.59 2.01 -15.60
C HIS A 152 -17.67 0.81 -15.36
N VAL A 153 -16.65 0.68 -16.22
CA VAL A 153 -15.72 -0.46 -16.17
C VAL A 153 -14.26 0.01 -16.01
N VAL A 154 -13.57 -0.60 -15.04
CA VAL A 154 -12.15 -0.37 -14.87
C VAL A 154 -11.43 -1.71 -15.08
N PHE A 155 -10.33 -1.66 -15.83
CA PHE A 155 -9.59 -2.81 -16.34
C PHE A 155 -8.23 -2.85 -15.63
N CYS A 156 -7.91 -3.97 -14.98
CA CYS A 156 -6.54 -4.18 -14.48
C CYS A 156 -5.76 -5.01 -15.47
N PRO A 157 -4.76 -4.40 -16.14
CA PRO A 157 -4.02 -5.10 -17.18
C PRO A 157 -3.04 -6.13 -16.64
N THR A 158 -2.66 -7.08 -17.51
CA THR A 158 -1.69 -8.12 -17.17
C THR A 158 -0.34 -7.48 -16.86
N GLU A 159 0.09 -6.53 -17.70
CA GLU A 159 1.27 -5.70 -17.43
C GLU A 159 0.80 -4.34 -16.87
N TYR A 160 0.94 -4.14 -15.56
CA TYR A 160 0.36 -2.97 -14.88
C TYR A 160 1.39 -2.03 -14.26
N CYS A 161 2.66 -2.22 -14.62
CA CYS A 161 3.71 -1.34 -14.15
C CYS A 161 4.82 -1.37 -15.20
N GLY A 162 5.73 -0.41 -15.16
CA GLY A 162 6.74 -0.23 -16.20
C GLY A 162 7.71 -1.39 -16.35
N ARG A 163 8.09 -2.01 -15.24
CA ARG A 163 8.98 -3.18 -15.31
C ARG A 163 8.32 -4.35 -16.06
N MET A 164 7.03 -4.58 -15.81
CA MET A 164 6.31 -5.66 -16.51
C MET A 164 6.14 -5.35 -17.99
N ALA A 165 6.01 -4.06 -18.30
CA ALA A 165 5.83 -3.60 -19.66
C ALA A 165 7.16 -3.53 -20.43
N GLY A 166 8.26 -3.75 -19.73
CA GLY A 166 9.58 -3.85 -20.38
C GLY A 166 10.43 -2.61 -20.26
N GLY A 167 10.04 -1.71 -19.37
CA GLY A 167 10.76 -0.44 -19.17
C GLY A 167 9.96 0.78 -19.63
N ASP A 168 10.23 1.22 -20.86
CA ASP A 168 9.40 2.24 -21.50
C ASP A 168 8.09 1.57 -21.90
N PRO A 169 6.96 2.05 -21.35
CA PRO A 169 5.69 1.35 -21.63
C PRO A 169 5.26 1.44 -23.09
N ARG A 170 5.81 2.39 -23.84
CA ARG A 170 5.48 2.52 -25.24
C ARG A 170 6.10 1.37 -26.04
N GLY A 171 7.10 0.73 -25.43
CA GLY A 171 7.76 -0.43 -26.06
C GLY A 171 7.00 -1.75 -26.01
N SER A 172 5.95 -1.83 -25.18
CA SER A 172 5.15 -3.06 -25.00
C SER A 172 4.14 -3.34 -26.11
N ALA A 173 4.27 -4.49 -26.77
CA ALA A 173 3.29 -4.95 -27.74
C ALA A 173 1.90 -5.15 -27.10
N TYR A 174 1.87 -5.63 -25.86
CA TYR A 174 0.60 -5.86 -25.16
C TYR A 174 -0.12 -4.54 -24.90
N LEU A 175 0.58 -3.59 -24.30
CA LEU A 175 -0.03 -2.28 -24.03
C LEU A 175 -0.45 -1.55 -25.31
N GLN A 176 0.36 -1.62 -26.37
CA GLN A 176 0.04 -1.02 -27.66
C GLN A 176 -1.30 -1.54 -28.21
N ARG A 177 -1.47 -2.86 -28.17
CA ARG A 177 -2.68 -3.50 -28.66
C ARG A 177 -3.87 -3.22 -27.74
N LEU A 178 -3.63 -3.24 -26.42
CA LEU A 178 -4.65 -2.90 -25.44
C LEU A 178 -5.24 -1.49 -25.62
N GLY A 179 -4.36 -0.51 -25.72
CA GLY A 179 -4.76 0.90 -25.89
C GLY A 179 -5.62 1.16 -27.12
N SER A 180 -5.44 0.37 -28.19
CA SER A 180 -6.15 0.59 -29.44
C SER A 180 -7.38 -0.30 -29.60
N THR A 181 -7.52 -1.29 -28.72
CA THR A 181 -8.65 -2.23 -28.80
C THR A 181 -9.67 -2.02 -27.70
N LEU A 182 -9.22 -1.63 -26.49
CA LEU A 182 -10.12 -1.49 -25.36
C LEU A 182 -10.98 -0.24 -25.54
N ASP A 183 -12.30 -0.38 -25.44
CA ASP A 183 -13.21 0.77 -25.55
C ASP A 183 -12.73 1.96 -24.71
N PRO A 184 -12.78 3.19 -25.29
CA PRO A 184 -12.23 4.37 -24.62
C PRO A 184 -12.91 4.70 -23.29
N ALA A 185 -14.19 4.33 -23.14
CA ALA A 185 -14.90 4.53 -21.87
C ALA A 185 -14.41 3.63 -20.69
N ILE A 186 -13.57 2.64 -20.98
CA ILE A 186 -13.04 1.74 -19.94
C ILE A 186 -11.75 2.32 -19.41
N ASP A 187 -11.68 2.50 -18.09
CA ASP A 187 -10.44 2.92 -17.45
C ASP A 187 -9.44 1.79 -17.25
N ILE A 188 -8.17 2.16 -17.06
CA ILE A 188 -7.09 1.19 -16.97
C ILE A 188 -6.21 1.57 -15.76
N PHE A 189 -5.99 0.59 -14.88
CA PHE A 189 -5.11 0.74 -13.71
C PHE A 189 -3.64 0.72 -14.10
N TRP A 190 -2.84 1.45 -13.31
CA TRP A 190 -1.40 1.55 -13.53
C TRP A 190 -0.74 1.87 -12.18
N THR A 191 0.33 1.15 -11.86
CA THR A 191 0.99 1.31 -10.54
C THR A 191 2.25 2.15 -10.61
N GLY A 192 2.67 2.54 -11.81
CA GLY A 192 3.91 3.34 -11.96
C GLY A 192 5.02 2.52 -12.59
N PRO A 193 6.29 3.00 -12.50
CA PRO A 193 7.38 2.22 -13.08
C PRO A 193 7.60 0.86 -12.41
N GLU A 194 7.17 0.71 -11.15
CA GLU A 194 7.28 -0.56 -10.43
C GLU A 194 5.96 -0.94 -9.79
N ILE A 195 5.87 -2.16 -9.28
CA ILE A 195 4.67 -2.56 -8.50
C ILE A 195 4.50 -1.59 -7.33
N VAL A 196 5.58 -1.38 -6.56
CA VAL A 196 5.60 -0.38 -5.47
C VAL A 196 6.56 0.72 -5.95
N SER A 197 5.99 1.83 -6.41
CA SER A 197 6.82 2.88 -7.06
C SER A 197 7.37 3.93 -6.08
N GLU A 198 8.70 4.14 -6.10
CA GLU A 198 9.27 5.12 -5.18
C GLU A 198 8.81 6.51 -5.54
N GLU A 199 8.82 6.78 -6.84
CA GLU A 199 8.33 8.03 -7.39
C GLU A 199 7.42 7.73 -8.58
N ILE A 200 6.36 8.49 -8.71
CA ILE A 200 5.65 8.49 -9.99
C ILE A 200 5.76 9.89 -10.60
N VAL A 201 6.43 9.97 -11.74
CA VAL A 201 6.76 11.26 -12.38
C VAL A 201 5.99 11.56 -13.68
N ALA A 202 5.91 12.84 -14.01
CA ALA A 202 5.12 13.31 -15.16
C ALA A 202 5.50 12.69 -16.50
N ALA A 203 6.80 12.66 -16.79
CA ALA A 203 7.27 12.11 -18.05
C ALA A 203 6.82 10.67 -18.22
N HIS A 204 6.93 9.91 -17.14
CA HIS A 204 6.55 8.50 -17.14
C HIS A 204 5.06 8.36 -17.46
N LEU A 205 4.22 9.11 -16.74
CA LEU A 205 2.76 9.08 -16.98
C LEU A 205 2.32 9.61 -18.37
N ALA A 206 3.14 10.49 -18.98
CA ALA A 206 2.89 10.97 -20.33
C ALA A 206 3.08 9.81 -21.32
N ALA A 207 4.14 9.03 -21.14
CA ALA A 207 4.38 7.81 -21.91
C ALA A 207 3.27 6.79 -21.77
N VAL A 208 2.81 6.56 -20.54
CA VAL A 208 1.72 5.64 -20.24
C VAL A 208 0.43 6.06 -20.96
N GLY A 209 0.07 7.34 -20.81
CA GLY A 209 -1.07 7.91 -21.53
C GLY A 209 -0.95 7.75 -23.04
N GLU A 210 0.24 7.92 -23.60
CA GLU A 210 0.44 7.73 -25.06
C GLU A 210 0.02 6.31 -25.47
N VAL A 211 0.61 5.29 -24.85
CA VAL A 211 0.40 3.90 -25.28
C VAL A 211 -1.01 3.39 -24.92
N LEU A 212 -1.53 3.78 -23.76
CA LEU A 212 -2.89 3.41 -23.36
C LEU A 212 -3.96 4.17 -24.14
N ARG A 213 -3.54 5.27 -24.81
CA ARG A 213 -4.44 6.17 -25.53
C ARG A 213 -5.49 6.78 -24.58
N ARG A 214 -5.10 6.90 -23.31
CA ARG A 214 -5.96 7.47 -22.26
C ARG A 214 -5.16 7.64 -20.99
N ARG A 215 -5.56 8.59 -20.15
CA ARG A 215 -4.90 8.75 -18.86
C ARG A 215 -5.27 7.57 -17.95
N PRO A 216 -4.28 7.00 -17.26
CA PRO A 216 -4.61 5.83 -16.43
C PRO A 216 -5.22 6.21 -15.08
N VAL A 217 -5.91 5.24 -14.45
CA VAL A 217 -6.25 5.36 -13.03
C VAL A 217 -5.06 4.81 -12.23
N ILE A 218 -4.51 5.62 -11.35
CA ILE A 218 -3.37 5.14 -10.58
C ILE A 218 -3.84 4.12 -9.54
N TRP A 219 -3.21 2.95 -9.54
CA TRP A 219 -3.42 1.99 -8.47
C TRP A 219 -2.16 2.03 -7.61
N ASP A 220 -2.19 2.78 -6.51
CA ASP A 220 -0.93 3.06 -5.82
C ASP A 220 -0.64 2.01 -4.75
N ASN A 221 0.45 1.26 -4.90
CA ASN A 221 0.85 0.28 -3.86
C ASN A 221 1.89 0.84 -2.86
N PHE A 222 2.04 2.15 -2.83
CA PHE A 222 3.00 2.83 -1.90
C PHE A 222 2.87 2.39 -0.44
N HIS A 223 1.65 2.34 0.08
CA HIS A 223 1.46 1.96 1.47
C HIS A 223 1.27 0.45 1.69
N ALA A 224 0.87 -0.30 0.66
CA ALA A 224 0.67 -1.73 0.83
C ALA A 224 0.76 -2.48 -0.49
N ASN A 225 1.32 -3.68 -0.47
CA ASN A 225 1.41 -4.55 -1.65
C ASN A 225 0.88 -5.88 -1.15
N ASP A 226 -0.08 -6.42 -1.90
CA ASP A 226 -0.84 -7.62 -1.53
C ASP A 226 0.14 -8.76 -1.28
N TYR A 227 1.29 -8.70 -1.95
CA TYR A 227 2.35 -9.69 -1.79
C TYR A 227 3.56 -9.12 -1.04
N ASP A 228 3.32 -8.53 0.13
CA ASP A 228 4.37 -8.21 1.09
C ASP A 228 3.68 -7.92 2.42
N ILE A 229 3.49 -8.98 3.19
CA ILE A 229 2.68 -8.87 4.39
C ILE A 229 3.57 -8.69 5.65
N ARG A 230 4.87 -8.50 5.44
CA ARG A 230 5.76 -8.31 6.55
C ARG A 230 6.03 -6.81 6.84
N ARG A 231 5.22 -5.92 6.24
CA ARG A 231 5.54 -4.48 6.31
C ARG A 231 4.36 -3.61 6.68
N VAL A 232 4.62 -2.51 7.39
CA VAL A 232 3.56 -1.54 7.69
C VAL A 232 4.07 -0.11 7.45
N PHE A 233 3.26 0.70 6.78
CA PHE A 233 3.65 2.05 6.46
C PHE A 233 2.59 3.02 6.91
N ALA A 234 2.92 3.78 7.95
CA ALA A 234 2.02 4.71 8.56
C ALA A 234 2.48 6.17 8.30
N GLY A 235 3.41 6.35 7.37
CA GLY A 235 3.84 7.71 7.01
C GLY A 235 3.01 8.32 5.89
N PRO A 236 3.34 9.54 5.48
CA PRO A 236 2.54 10.20 4.44
C PRO A 236 2.87 9.67 3.04
N LEU A 237 1.90 9.81 2.12
CA LEU A 237 2.17 9.63 0.71
C LEU A 237 3.33 10.51 0.24
N GLY A 238 4.32 9.93 -0.43
CA GLY A 238 5.49 10.71 -0.91
C GLY A 238 5.93 10.26 -2.29
N GLY A 239 6.78 11.07 -2.93
CA GLY A 239 7.31 10.69 -4.24
C GLY A 239 6.38 10.93 -5.42
N ARG A 240 5.21 11.52 -5.18
CA ARG A 240 4.29 11.91 -6.26
C ARG A 240 4.05 13.42 -6.19
N SER A 241 4.49 14.16 -7.20
CA SER A 241 4.25 15.61 -7.22
C SER A 241 2.79 15.88 -7.57
N ARG A 242 2.28 17.02 -7.11
CA ARG A 242 0.99 17.48 -7.63
C ARG A 242 0.92 17.65 -9.17
N ASP A 243 2.07 17.87 -9.80
CA ASP A 243 2.08 18.15 -11.25
C ASP A 243 1.69 16.92 -12.10
N ILE A 244 1.58 15.74 -11.49
CA ILE A 244 1.08 14.56 -12.25
C ILE A 244 -0.44 14.42 -12.31
N LEU A 245 -1.17 15.17 -11.49
CA LEU A 245 -2.63 14.99 -11.43
C LEU A 245 -3.37 15.28 -12.74
N PRO A 246 -2.91 16.25 -13.58
CA PRO A 246 -3.61 16.41 -14.87
C PRO A 246 -3.40 15.22 -15.83
N LEU A 247 -2.52 14.29 -15.45
CA LEU A 247 -2.13 13.17 -16.31
C LEU A 247 -2.81 11.87 -15.87
N VAL A 248 -3.69 11.95 -14.88
CA VAL A 248 -4.35 10.72 -14.41
C VAL A 248 -5.87 10.88 -14.41
N ALA A 249 -6.57 9.75 -14.45
CA ALA A 249 -8.02 9.71 -14.44
C ALA A 249 -8.58 9.26 -13.08
N GLY A 250 -7.70 8.97 -12.13
CA GLY A 250 -8.09 8.47 -10.83
C GLY A 250 -6.94 8.12 -9.92
N TRP A 251 -7.27 7.80 -8.67
CA TRP A 251 -6.24 7.44 -7.65
C TRP A 251 -6.82 6.46 -6.66
N ILE A 252 -6.44 5.19 -6.76
CA ILE A 252 -6.94 4.12 -5.91
C ILE A 252 -5.81 3.60 -5.01
N THR A 253 -5.97 3.80 -3.71
CA THR A 253 -4.99 3.41 -2.72
C THR A 253 -5.14 1.94 -2.39
N ASN A 254 -4.05 1.18 -2.53
CA ASN A 254 -4.05 -0.18 -2.05
C ASN A 254 -3.85 -0.20 -0.54
N PRO A 255 -4.82 -0.74 0.21
CA PRO A 255 -4.73 -0.71 1.67
C PRO A 255 -3.93 -1.87 2.27
N ASN A 256 -3.40 -1.65 3.47
CA ASN A 256 -2.92 -2.74 4.33
C ASN A 256 -4.08 -3.65 4.66
N ASN A 257 -3.85 -4.96 4.70
CA ASN A 257 -4.95 -5.87 5.01
C ASN A 257 -5.45 -5.67 6.45
N GLU A 258 -4.63 -5.10 7.33
CA GLU A 258 -5.09 -4.68 8.69
C GLU A 258 -5.78 -3.31 8.55
N ALA A 259 -7.09 -3.30 8.74
CA ALA A 259 -7.86 -2.05 8.58
C ALA A 259 -7.24 -0.88 9.32
N GLU A 260 -6.90 -1.08 10.59
CA GLU A 260 -6.43 0.04 11.46
C GLU A 260 -5.10 0.67 11.01
N ALA A 261 -4.29 -0.09 10.26
CA ALA A 261 -3.06 0.47 9.70
C ALA A 261 -3.29 1.65 8.76
N ASN A 262 -4.46 1.68 8.11
CA ASN A 262 -4.67 2.57 6.97
C ASN A 262 -5.03 4.04 7.23
N PHE A 263 -5.21 4.42 8.49
CA PHE A 263 -5.65 5.80 8.76
C PHE A 263 -4.77 6.89 8.09
N PRO A 264 -3.44 6.90 8.33
CA PRO A 264 -2.61 7.95 7.72
C PRO A 264 -2.46 7.82 6.18
N ALA A 265 -2.47 6.59 5.66
CA ALA A 265 -2.41 6.39 4.22
C ALA A 265 -3.57 7.13 3.59
N ILE A 266 -4.75 6.91 4.10
CA ILE A 266 -5.95 7.50 3.51
C ILE A 266 -6.03 9.00 3.77
N HIS A 267 -5.70 9.42 5.00
CA HIS A 267 -5.76 10.85 5.37
C HIS A 267 -4.79 11.70 4.51
N THR A 268 -3.54 11.26 4.37
CA THR A 268 -2.55 12.02 3.60
C THR A 268 -2.77 11.94 2.08
N THR A 269 -3.25 10.79 1.58
CA THR A 269 -3.61 10.67 0.18
C THR A 269 -4.74 11.65 -0.15
N GLY A 270 -5.74 11.73 0.73
CA GLY A 270 -6.79 12.74 0.58
C GLY A 270 -6.23 14.16 0.47
N ALA A 271 -5.28 14.49 1.34
CA ALA A 271 -4.65 15.83 1.36
C ALA A 271 -3.89 16.07 0.05
N TYR A 272 -3.16 15.05 -0.39
CA TYR A 272 -2.44 15.13 -1.68
C TYR A 272 -3.36 15.48 -2.85
N LEU A 273 -4.49 14.80 -2.94
CA LEU A 273 -5.45 15.02 -4.01
C LEU A 273 -6.15 16.38 -3.95
N ALA A 274 -6.31 16.94 -2.75
CA ALA A 274 -7.11 18.17 -2.57
C ALA A 274 -6.30 19.46 -2.47
N ASP A 275 -5.06 19.38 -2.00
CA ASP A 275 -4.30 20.58 -1.67
C ASP A 275 -3.07 20.88 -2.57
N PRO A 276 -3.09 21.99 -3.36
CA PRO A 276 -1.95 22.41 -4.18
C PRO A 276 -0.62 22.49 -3.43
N ASP A 277 -0.68 22.79 -2.13
CA ASP A 277 0.52 22.96 -1.34
C ASP A 277 0.87 21.71 -0.53
N TYR A 278 0.33 20.55 -0.91
CA TYR A 278 0.64 19.30 -0.19
C TYR A 278 2.14 19.20 0.12
N ALA A 279 2.46 18.91 1.38
CA ALA A 279 3.85 18.66 1.78
C ALA A 279 3.78 17.49 2.77
N PRO A 280 4.50 16.39 2.47
CA PRO A 280 4.31 15.18 3.30
C PRO A 280 4.47 15.37 4.81
N GLU A 281 5.47 16.13 5.27
CA GLU A 281 5.65 16.26 6.71
C GLU A 281 4.53 17.10 7.36
N ARG A 282 4.04 18.09 6.65
CA ARG A 282 2.89 18.85 7.17
C ARG A 282 1.62 17.97 7.17
N ALA A 283 1.45 17.15 6.13
CA ALA A 283 0.28 16.30 6.02
C ALA A 283 0.28 15.24 7.10
N ILE A 284 1.44 14.65 7.38
CA ILE A 284 1.49 13.63 8.43
C ILE A 284 1.16 14.26 9.79
N ALA A 285 1.54 15.51 10.01
CA ALA A 285 1.23 16.19 11.30
C ALA A 285 -0.27 16.33 11.45
N ALA A 286 -0.95 16.71 10.36
CA ALA A 286 -2.43 16.81 10.35
C ALA A 286 -3.07 15.45 10.60
N ALA A 287 -2.51 14.40 10.01
CA ALA A 287 -3.08 13.07 10.17
C ALA A 287 -2.91 12.59 11.62
N VAL A 288 -1.75 12.84 12.22
CA VAL A 288 -1.50 12.45 13.63
C VAL A 288 -2.55 13.10 14.56
N ALA A 289 -2.83 14.39 14.34
CA ALA A 289 -3.83 15.12 15.16
C ALA A 289 -5.24 14.50 15.02
N ALA A 290 -5.61 14.10 13.80
CA ALA A 290 -6.93 13.51 13.58
C ALA A 290 -7.03 12.04 14.03
N TRP A 291 -5.90 11.33 14.04
CA TRP A 291 -5.83 9.89 14.36
C TRP A 291 -5.86 9.59 15.85
N GLN A 292 -5.24 10.47 16.61
CA GLN A 292 -5.01 10.34 18.05
C GLN A 292 -6.21 9.88 18.90
N PRO A 293 -7.44 10.37 18.62
CA PRO A 293 -8.53 9.83 19.44
C PRO A 293 -8.70 8.30 19.40
N ARG A 294 -8.33 7.65 18.29
CA ARG A 294 -8.41 6.20 18.23
C ARG A 294 -7.49 5.51 19.25
N PHE A 295 -6.61 6.27 19.88
CA PHE A 295 -5.62 5.74 20.82
C PHE A 295 -6.04 5.93 22.28
N ARG A 296 -7.35 6.00 22.52
CA ARG A 296 -7.89 6.10 23.85
C ARG A 296 -7.44 4.89 24.67
N LEU A 297 -7.02 5.14 25.90
CA LEU A 297 -6.57 4.07 26.77
C LEU A 297 -7.77 3.40 27.42
N ALA A 298 -7.68 2.08 27.59
CA ALA A 298 -8.73 1.31 28.24
C ALA A 298 -9.02 1.88 29.64
N PHE A 299 -10.30 1.86 30.02
CA PHE A 299 -10.76 2.33 31.36
C PHE A 299 -10.48 3.80 31.75
N GLY A 300 -10.21 4.68 30.79
CA GLY A 300 -9.94 6.09 31.10
C GLY A 300 -10.27 7.02 29.95
N ASP A 301 -10.16 8.34 30.20
CA ASP A 301 -10.39 9.39 29.19
C ASP A 301 -9.12 9.73 28.37
N GLY A 302 -7.95 9.44 28.93
CA GLY A 302 -6.68 9.74 28.27
C GLY A 302 -6.43 8.83 27.08
N ALA A 303 -5.44 9.24 26.29
CA ALA A 303 -5.02 8.56 25.07
C ALA A 303 -3.49 8.56 24.99
N VAL A 304 -2.95 7.72 24.11
CA VAL A 304 -1.53 7.80 23.79
C VAL A 304 -1.21 9.25 23.37
N PRO A 305 -0.13 9.84 23.91
CA PRO A 305 0.12 11.27 23.58
C PRO A 305 0.50 11.46 22.13
N SER A 306 0.16 12.64 21.59
CA SER A 306 0.40 12.98 20.19
C SER A 306 1.82 12.74 19.75
N ASP A 307 2.80 13.14 20.57
CA ASP A 307 4.23 12.97 20.24
C ASP A 307 4.60 11.50 19.97
N LEU A 308 3.94 10.57 20.67
CA LEU A 308 4.22 9.17 20.51
C LEU A 308 3.46 8.54 19.32
N VAL A 309 2.29 9.06 18.99
CA VAL A 309 1.62 8.67 17.74
C VAL A 309 2.47 9.15 16.54
N ALA A 310 3.02 10.36 16.63
CA ALA A 310 3.91 10.87 15.60
C ALA A 310 5.16 9.99 15.47
N LEU A 311 5.69 9.52 16.59
CA LEU A 311 6.82 8.60 16.56
C LEU A 311 6.43 7.29 15.87
N LEU A 312 5.25 6.77 16.15
CA LEU A 312 4.77 5.56 15.44
C LEU A 312 4.89 5.73 13.91
N CYS A 313 4.47 6.87 13.39
CA CYS A 313 4.56 7.13 11.96
C CYS A 313 6.00 7.23 11.49
N ASP A 314 6.83 7.95 12.26
CA ASP A 314 8.24 8.14 11.93
C ASP A 314 8.98 6.80 11.83
N LEU A 315 8.73 5.88 12.77
CA LEU A 315 9.37 4.55 12.77
C LEU A 315 8.96 3.68 11.58
N PHE A 316 7.67 3.74 11.22
CA PHE A 316 7.09 2.93 10.16
C PHE A 316 6.52 3.87 9.14
N TRP A 317 7.43 4.44 8.35
CA TRP A 317 7.17 5.64 7.56
C TRP A 317 6.76 5.27 6.13
N GLN A 318 7.77 4.99 5.28
CA GLN A 318 7.54 4.75 3.83
C GLN A 318 8.36 3.58 3.33
N PRO A 319 8.02 3.03 2.15
CA PRO A 319 8.80 1.89 1.71
C PRO A 319 10.25 2.25 1.42
N PHE A 320 10.55 3.49 1.05
CA PHE A 320 11.96 3.79 0.63
C PHE A 320 12.66 4.79 1.52
N ALA A 321 12.12 4.98 2.72
CA ALA A 321 12.61 5.99 3.70
C ALA A 321 12.10 5.70 5.12
N LEU A 322 13.03 5.71 6.07
CA LEU A 322 12.73 5.89 7.48
C LEU A 322 12.22 7.32 7.67
N GLY A 323 11.41 7.54 8.70
CA GLY A 323 10.95 8.87 8.97
C GLY A 323 12.10 9.85 9.29
N PRO A 324 11.82 11.14 9.15
CA PRO A 324 12.86 12.14 9.25
C PRO A 324 13.49 12.21 10.65
N GLU A 325 12.70 12.02 11.70
CA GLU A 325 13.24 12.19 13.07
C GLU A 325 14.23 11.07 13.40
N THR A 326 13.81 9.83 13.15
CA THR A 326 14.68 8.70 13.40
C THR A 326 15.87 8.62 12.40
N THR A 327 15.66 9.03 11.15
CA THR A 327 16.77 9.16 10.19
C THR A 327 17.87 10.10 10.73
N ARG A 328 17.47 11.25 11.26
CA ARG A 328 18.50 12.18 11.74
C ARG A 328 19.23 11.63 12.96
N ILE A 329 18.50 10.96 13.84
CA ILE A 329 19.13 10.40 15.05
C ILE A 329 20.17 9.33 14.68
N LEU A 330 19.82 8.47 13.72
CA LEU A 330 20.72 7.42 13.29
C LEU A 330 21.90 7.95 12.46
N SER A 331 21.66 8.98 11.64
CA SER A 331 22.72 9.63 10.88
C SER A 331 23.76 10.37 11.73
N ALA A 332 23.31 10.99 12.82
CA ALA A 332 24.23 11.65 13.76
C ALA A 332 25.07 10.60 14.48
N LEU A 333 24.46 9.43 14.74
CA LEU A 333 25.23 8.32 15.31
C LEU A 333 26.31 7.79 14.35
N ARG A 334 25.93 7.50 13.09
CA ARG A 334 26.91 7.12 12.06
C ARG A 334 28.08 8.08 11.98
N ALA A 335 27.78 9.38 11.96
CA ALA A 335 28.82 10.42 11.88
C ALA A 335 29.75 10.49 13.10
N ALA A 336 29.29 9.98 14.25
CA ALA A 336 30.18 9.89 15.42
C ALA A 336 30.85 8.53 15.51
N LEU A 337 30.43 7.61 14.65
CA LEU A 337 31.01 6.27 14.59
C LEU A 337 31.89 6.14 13.36
N THR A 338 32.58 7.22 13.01
CA THR A 338 33.58 7.22 11.95
C THR A 338 34.90 6.66 12.48
N VAL A 339 35.02 6.61 13.81
CA VAL A 339 36.21 6.05 14.45
C VAL A 339 35.90 4.69 15.11
N PRO A 340 36.89 3.78 15.15
CA PRO A 340 36.68 2.48 15.80
C PRO A 340 36.33 2.62 17.30
N ARG A 341 36.97 3.56 17.99
CA ARG A 341 36.68 3.82 19.39
C ARG A 341 36.31 5.28 19.63
N PRO A 342 35.00 5.58 19.65
CA PRO A 342 34.59 6.96 19.94
C PRO A 342 35.14 7.43 21.27
N ASP A 343 35.60 8.68 21.29
CA ASP A 343 36.08 9.31 22.51
C ASP A 343 34.88 9.68 23.37
N PRO A 344 34.75 9.07 24.56
CA PRO A 344 33.55 9.29 25.38
C PRO A 344 33.34 10.76 25.82
N SER A 345 34.41 11.54 25.88
CA SER A 345 34.31 12.96 26.23
C SER A 345 33.95 13.86 25.04
N ASP A 346 33.97 13.31 23.83
CA ASP A 346 33.69 14.08 22.62
C ASP A 346 32.22 14.53 22.59
N PRO A 347 31.98 15.86 22.48
CA PRO A 347 30.67 16.49 22.48
C PRO A 347 29.72 15.92 21.43
N ALA A 348 30.26 15.58 20.27
CA ALA A 348 29.47 15.05 19.16
C ALA A 348 28.98 13.64 19.45
N TRP A 349 29.88 12.78 19.95
CA TRP A 349 29.51 11.44 20.41
C TRP A 349 28.49 11.53 21.54
N ARG A 350 28.76 12.36 22.54
CA ARG A 350 27.82 12.57 23.65
C ARG A 350 26.40 13.00 23.22
N ALA A 351 26.31 13.92 22.27
CA ALA A 351 25.00 14.37 21.78
C ALA A 351 24.28 13.24 21.07
N ALA A 352 25.02 12.50 20.25
CA ALA A 352 24.43 11.45 19.44
C ALA A 352 23.89 10.32 20.33
N LEU A 353 24.62 10.02 21.38
CA LEU A 353 24.29 8.93 22.29
C LEU A 353 23.09 9.26 23.17
N GLU A 354 23.01 10.50 23.66
CA GLU A 354 21.84 10.92 24.44
C GLU A 354 20.53 10.88 23.62
N ASP A 355 20.56 11.34 22.36
CA ASP A 355 19.38 11.24 21.48
C ASP A 355 18.98 9.81 21.15
N LEU A 356 19.95 8.90 21.18
CA LEU A 356 19.65 7.47 21.00
C LEU A 356 19.00 6.86 22.25
N ARG A 357 19.55 7.17 23.42
CA ARG A 357 18.96 6.71 24.67
C ARG A 357 17.54 7.24 24.84
N ASP A 358 17.35 8.53 24.51
CA ASP A 358 16.04 9.15 24.52
C ASP A 358 15.07 8.47 23.52
N LEU A 359 15.56 8.13 22.33
CA LEU A 359 14.75 7.37 21.37
C LEU A 359 14.31 6.01 21.93
N LYS A 360 15.20 5.30 22.60
CA LYS A 360 14.85 4.05 23.28
C LYS A 360 13.76 4.26 24.34
N ARG A 361 13.92 5.28 25.19
CA ARG A 361 12.90 5.58 26.20
C ARG A 361 11.49 5.80 25.60
N ARG A 362 11.43 6.62 24.56
CA ARG A 362 10.17 6.91 23.87
C ARG A 362 9.56 5.69 23.12
N ILE A 363 10.39 4.88 22.48
CA ILE A 363 9.90 3.60 21.90
C ILE A 363 9.31 2.68 23.00
N ASN A 364 10.03 2.53 24.11
CA ASN A 364 9.58 1.72 25.25
C ASN A 364 8.22 2.19 25.80
N LYS A 365 8.10 3.52 25.96
CA LYS A 365 6.82 4.11 26.41
C LYS A 365 5.69 3.84 25.42
N LEU A 366 5.94 4.10 24.15
CA LEU A 366 4.94 3.86 23.09
C LEU A 366 4.52 2.38 23.09
N PHE A 367 5.50 1.48 23.10
CA PHE A 367 5.21 0.05 23.15
C PHE A 367 4.27 -0.36 24.30
N THR A 368 4.62 0.05 25.52
CA THR A 368 3.83 -0.22 26.73
C THR A 368 2.41 0.40 26.65
N LEU A 369 2.34 1.66 26.25
CA LEU A 369 1.03 2.31 26.15
C LEU A 369 0.12 1.61 25.15
N MET A 370 0.68 1.19 24.01
CA MET A 370 -0.10 0.47 23.01
C MET A 370 -0.74 -0.80 23.56
N THR A 371 -0.04 -1.51 24.46
CA THR A 371 -0.62 -2.70 25.06
C THR A 371 -1.87 -2.36 25.90
N GLU A 372 -2.00 -1.09 26.30
CA GLU A 372 -3.05 -0.64 27.22
C GLU A 372 -4.25 0.08 26.55
N ILE A 373 -4.25 0.20 25.23
CA ILE A 373 -5.34 0.92 24.57
C ILE A 373 -6.64 0.13 24.46
N GLU A 374 -7.75 0.87 24.38
CA GLU A 374 -9.07 0.28 24.28
C GLU A 374 -9.29 -0.47 22.96
N ASN A 375 -8.81 0.11 21.86
CA ASN A 375 -8.98 -0.46 20.53
C ASN A 375 -7.93 -1.57 20.32
N ARG A 376 -8.33 -2.81 20.58
CA ARG A 376 -7.40 -3.92 20.60
C ARG A 376 -6.84 -4.24 19.20
N ASP A 377 -7.63 -3.98 18.16
CA ASP A 377 -7.18 -4.20 16.80
C ASP A 377 -6.07 -3.25 16.36
N LEU A 378 -6.14 -2.01 16.85
CA LEU A 378 -5.06 -1.05 16.62
C LEU A 378 -3.80 -1.52 17.32
N PHE A 379 -3.95 -2.00 18.55
CA PHE A 379 -2.80 -2.60 19.24
C PHE A 379 -2.19 -3.77 18.42
N HIS A 380 -3.02 -4.73 18.02
CA HIS A 380 -2.54 -5.90 17.27
C HIS A 380 -1.85 -5.49 15.97
N THR A 381 -2.30 -4.42 15.34
CA THR A 381 -1.73 -4.01 14.06
C THR A 381 -0.25 -3.68 14.19
N PHE A 382 0.12 -2.98 15.27
CA PHE A 382 1.47 -2.47 15.43
C PHE A 382 2.36 -3.22 16.40
N HIS A 383 1.79 -4.19 17.12
CA HIS A 383 2.52 -4.81 18.22
C HIS A 383 3.86 -5.45 17.78
N ASN A 384 3.80 -6.34 16.80
CA ASN A 384 5.03 -7.02 16.39
C ASN A 384 6.07 -6.13 15.76
N TYR A 385 5.63 -5.09 15.04
CA TYR A 385 6.57 -4.10 14.52
C TYR A 385 7.23 -3.32 15.64
N LEU A 386 6.44 -2.90 16.63
CA LEU A 386 7.00 -2.19 17.78
C LEU A 386 7.90 -3.10 18.63
N TRP A 387 7.50 -4.38 18.76
CA TRP A 387 8.35 -5.36 19.46
C TRP A 387 9.76 -5.42 18.85
N GLU A 388 9.82 -5.58 17.53
CA GLU A 388 11.11 -5.64 16.81
C GLU A 388 11.86 -4.31 16.90
N ALA A 389 11.15 -3.18 16.83
CA ALA A 389 11.79 -1.85 16.95
C ALA A 389 12.43 -1.72 18.32
N GLN A 390 11.71 -2.16 19.34
CA GLN A 390 12.21 -2.12 20.71
C GLN A 390 13.46 -3.00 20.92
N GLU A 391 13.45 -4.19 20.33
CA GLU A 391 14.57 -5.10 20.50
C GLU A 391 15.79 -4.51 19.78
N GLU A 392 15.58 -3.95 18.59
CA GLU A 392 16.66 -3.41 17.77
C GLU A 392 17.31 -2.19 18.43
N VAL A 393 16.51 -1.26 18.93
CA VAL A 393 17.08 -0.06 19.58
C VAL A 393 17.74 -0.47 20.89
N GLY A 394 17.19 -1.53 21.51
CA GLY A 394 17.77 -2.12 22.72
C GLY A 394 19.20 -2.59 22.47
N HIS A 395 19.40 -3.37 21.39
CA HIS A 395 20.72 -3.88 21.02
CA HIS A 395 20.75 -3.86 21.09
C HIS A 395 21.70 -2.73 20.70
N LEU A 396 21.20 -1.70 20.02
CA LEU A 396 22.07 -0.60 19.60
C LEU A 396 22.54 0.28 20.75
N VAL A 397 21.62 0.59 21.65
CA VAL A 397 21.99 1.31 22.90
C VAL A 397 22.97 0.46 23.73
N ALA A 398 22.77 -0.85 23.78
CA ALA A 398 23.65 -1.72 24.53
C ALA A 398 25.06 -1.65 23.94
N TYR A 399 25.12 -1.68 22.62
CA TYR A 399 26.39 -1.58 21.91
C TYR A 399 27.10 -0.23 22.19
N CYS A 400 26.35 0.85 22.11
CA CYS A 400 26.91 2.18 22.29
C CYS A 400 27.26 2.44 23.76
N ASP A 401 26.47 1.88 24.68
CA ASP A 401 26.80 1.99 26.13
C ASP A 401 28.14 1.33 26.40
N TRP A 402 28.43 0.26 25.67
CA TRP A 402 29.69 -0.47 25.83
C TRP A 402 30.87 0.34 25.26
N LEU A 403 30.66 0.99 24.12
CA LEU A 403 31.68 1.86 23.53
C LEU A 403 31.95 3.06 24.42
N ASP A 404 30.92 3.50 25.14
CA ASP A 404 31.02 4.67 26.01
C ASP A 404 31.88 4.41 27.26
N GLU A 405 32.00 3.14 27.67
CA GLU A 405 32.88 2.76 28.78
C GLU A 405 34.34 2.64 28.34
N ALA A 406 34.60 3.02 27.09
CA ALA A 406 35.96 3.08 26.50
C ALA A 406 36.71 1.74 26.52
N PRO A 407 36.19 0.71 25.83
CA PRO A 407 36.91 -0.57 25.84
C PRO A 407 38.21 -0.51 25.04
N PRO A 408 39.19 -1.38 25.35
CA PRO A 408 40.41 -1.45 24.53
C PRO A 408 40.08 -1.75 23.06
N PRO A 409 40.90 -1.23 22.12
CA PRO A 409 40.71 -1.37 20.67
C PRO A 409 40.31 -2.80 20.26
N GLY A 410 41.05 -3.77 20.77
CA GLY A 410 40.90 -5.18 20.40
C GLY A 410 39.71 -5.89 21.04
N ALA A 411 39.12 -5.31 22.08
CA ALA A 411 37.97 -5.93 22.74
C ALA A 411 36.79 -6.06 21.79
N VAL A 412 35.92 -7.02 22.07
CA VAL A 412 34.68 -7.12 21.32
C VAL A 412 33.47 -7.09 22.23
N PHE A 413 32.39 -6.54 21.71
CA PHE A 413 31.12 -6.41 22.40
C PHE A 413 30.57 -7.77 22.87
N PRO A 414 30.40 -7.95 24.20
CA PRO A 414 29.88 -9.22 24.72
C PRO A 414 28.45 -9.48 24.25
N ALA A 415 28.17 -10.72 23.86
CA ALA A 415 26.88 -11.10 23.27
C ALA A 415 25.78 -11.38 24.31
N THR A 416 24.65 -11.92 23.84
CA THR A 416 23.61 -12.48 24.73
C THR A 416 23.17 -13.83 24.16
N ASN A 421 16.10 -4.80 -4.47
CA ASN A 421 15.68 -3.42 -4.27
C ASN A 421 16.34 -2.77 -3.03
N PHE A 422 17.35 -1.92 -3.31
CA PHE A 422 18.23 -1.32 -2.29
C PHE A 422 17.89 0.13 -1.93
N TYR A 423 16.88 0.69 -2.60
CA TYR A 423 16.27 1.98 -2.20
C TYR A 423 15.42 1.79 -0.94
N ARG A 424 14.94 0.56 -0.72
CA ARG A 424 14.08 0.22 0.44
C ARG A 424 14.76 0.48 1.78
N ARG A 425 13.98 0.96 2.75
CA ARG A 425 14.47 1.33 4.06
C ARG A 425 13.46 0.97 5.17
N GLY A 426 13.96 0.98 6.40
CA GLY A 426 13.14 0.75 7.60
C GLY A 426 14.03 0.96 8.81
N PHE A 427 13.42 1.00 9.99
CA PHE A 427 14.16 1.21 11.25
C PHE A 427 15.09 0.03 11.51
N GLY A 428 14.54 -1.18 11.48
CA GLY A 428 15.33 -2.42 11.61
C GLY A 428 16.52 -2.51 10.65
N VAL A 429 16.28 -2.25 9.37
CA VAL A 429 17.37 -2.29 8.39
C VAL A 429 18.44 -1.23 8.66
N ALA A 430 18.01 -0.02 8.99
CA ALA A 430 18.93 1.08 9.28
C ALA A 430 19.82 0.80 10.50
N VAL A 431 19.25 0.21 11.53
CA VAL A 431 20.01 -0.18 12.74
C VAL A 431 21.11 -1.21 12.40
N GLN A 432 20.75 -2.29 11.69
CA GLN A 432 21.73 -3.32 11.29
C GLN A 432 22.80 -2.74 10.35
N ASP A 433 22.39 -1.79 9.52
CA ASP A 433 23.29 -1.05 8.64
C ASP A 433 24.47 -0.46 9.43
N ILE A 434 24.16 0.12 10.59
CA ILE A 434 25.16 0.70 11.47
C ILE A 434 25.88 -0.38 12.26
N LEU A 435 25.10 -1.26 12.89
CA LEU A 435 25.64 -2.26 13.77
C LEU A 435 25.68 -3.60 13.06
N GLN A 436 26.85 -3.89 12.48
CA GLN A 436 27.04 -5.06 11.64
C GLN A 436 27.63 -6.20 12.44
N ARG A 437 27.75 -7.36 11.80
CA ARG A 437 28.25 -8.57 12.44
C ARG A 437 29.13 -9.27 11.41
N ASP A 438 30.43 -9.39 11.70
CA ASP A 438 31.39 -9.98 10.75
C ASP A 438 31.34 -11.53 10.70
N ARG A 439 32.14 -12.11 9.82
CA ARG A 439 32.13 -13.55 9.57
C ARG A 439 32.50 -14.40 10.81
N GLN A 440 33.06 -13.77 11.84
CA GLN A 440 33.44 -14.48 13.07
C GLN A 440 32.35 -14.42 14.13
N GLY A 441 31.29 -13.67 13.83
CA GLY A 441 30.22 -13.42 14.77
C GLY A 441 30.31 -12.11 15.54
N ARG A 442 31.39 -11.35 15.31
CA ARG A 442 31.66 -10.09 16.03
C ARG A 442 30.87 -8.89 15.53
N TYR A 443 30.19 -8.21 16.46
CA TYR A 443 29.56 -6.94 16.13
C TYR A 443 30.61 -5.84 16.01
N HIS A 444 30.37 -4.94 15.06
CA HIS A 444 31.24 -3.78 14.85
C HIS A 444 30.45 -2.72 14.08
N HIS A 445 31.07 -1.57 13.84
CA HIS A 445 30.37 -0.50 13.12
C HIS A 445 31.09 -0.06 11.84
N GLY A 446 31.82 -0.99 11.23
CA GLY A 446 32.48 -0.74 9.95
C GLY A 446 33.68 0.17 10.11
N VAL A 447 34.42 -0.03 11.21
CA VAL A 447 35.52 0.85 11.68
C VAL A 447 35.58 2.25 11.04
CL CL B . -1.18 14.94 23.45
#